data_4MXP
#
_entry.id   4MXP
#
_cell.length_a   128.552
_cell.length_b   128.552
_cell.length_c   53.222
_cell.angle_alpha   90.000
_cell.angle_beta   90.000
_cell.angle_gamma   90.000
#
_symmetry.space_group_name_H-M   'I 41'
#
loop_
_entity.id
_entity.type
_entity.pdbx_description
1 polymer 'Defects in Rab1 recruitment protein A'
2 non-polymer '(2R)-3-{[(R)-hydroxy{[(1R,2R,3R,4R,5S,6R)-2,3,5,6-tetrahydroxy-4-(phosphonooxy)cyclohexyl]oxy}phosphoryl]oxy}propane-1,2-diyl dibutanoate'
3 non-polymer 'SODIUM ION'
4 water water
#
_entity_poly.entity_id   1
_entity_poly.type   'polypeptide(L)'
_entity_poly.pdbx_seq_one_letter_code
;MGHHHHHHGSAKIRELGVQRVTRIENLENAKKLWDNANSMLEKGNISGYLKAANELHKFMKEKNLKEDDLRPELSDKTIS
PKGYAILQSLWGAASDYSRAAATLTESTVEPGLVSAVNKMSAFFMDCKLSPNERATPDPDFKVGKSKILVGIMQFIKDVA
DPTSKIWMHNTKALMNHKIAAIQKLERSNNVNDETLESVLSSKGENLSEYLSYKYATKDEGREHRYTASTENFKNVKEKY
QQMRGDALKTEILADFKDKLAEATDEQSLKQIVAELKSKDEYRILAKGQGLTTQLLGLKTSSVSSFEKMVEETRESIKSQ
ERQTIKIK
;
_entity_poly.pdbx_strand_id   A
#
# COMPACT_ATOMS: atom_id res chain seq x y z
N VAL A 18 -18.00 -28.76 23.27
CA VAL A 18 -18.41 -27.31 23.28
C VAL A 18 -19.88 -27.21 23.75
N GLN A 19 -20.10 -26.54 24.88
CA GLN A 19 -21.44 -26.35 25.40
C GLN A 19 -22.23 -25.47 24.43
N ARG A 20 -23.55 -25.60 24.50
CA ARG A 20 -24.44 -24.74 23.73
C ARG A 20 -24.17 -23.27 24.04
N VAL A 21 -23.96 -22.93 25.31
CA VAL A 21 -23.77 -21.52 25.67
C VAL A 21 -22.51 -20.94 25.00
N THR A 22 -21.46 -21.74 24.94
CA THR A 22 -20.22 -21.36 24.25
C THR A 22 -20.44 -21.12 22.74
N ARG A 23 -21.16 -22.03 22.09
CA ARG A 23 -21.50 -21.91 20.66
C ARG A 23 -22.32 -20.66 20.39
N ILE A 24 -23.30 -20.42 21.26
CA ILE A 24 -24.14 -19.24 21.14
C ILE A 24 -23.30 -17.97 21.28
N GLU A 25 -22.41 -17.96 22.26
CA GLU A 25 -21.56 -16.78 22.48
C GLU A 25 -20.60 -16.57 21.30
N ASN A 26 -20.01 -17.65 20.81
CA ASN A 26 -19.11 -17.57 19.64
C ASN A 26 -19.86 -17.06 18.41
N LEU A 27 -21.06 -17.55 18.17
CA LEU A 27 -21.83 -17.13 17.01
C LEU A 27 -22.31 -15.69 17.16
N GLU A 28 -22.63 -15.26 18.38
CA GLU A 28 -23.00 -13.87 18.59
C GLU A 28 -21.80 -12.95 18.30
N ASN A 29 -20.59 -13.34 18.69
CA ASN A 29 -19.40 -12.53 18.39
CA ASN A 29 -19.41 -12.52 18.38
C ASN A 29 -19.08 -12.54 16.89
N ALA A 30 -19.22 -13.71 16.26
CA ALA A 30 -19.04 -13.81 14.81
C ALA A 30 -20.04 -12.90 14.07
N LYS A 31 -21.29 -12.89 14.55
CA LYS A 31 -22.31 -12.03 13.95
C LYS A 31 -21.93 -10.55 14.03
N LYS A 32 -21.40 -10.15 15.18
CA LYS A 32 -20.92 -8.78 15.39
C LYS A 32 -19.77 -8.44 14.45
N LEU A 33 -18.84 -9.40 14.29
CA LEU A 33 -17.74 -9.24 13.31
C LEU A 33 -18.24 -9.10 11.88
N TRP A 34 -19.22 -9.93 11.52
CA TRP A 34 -19.82 -9.87 10.22
C TRP A 34 -20.49 -8.51 10.03
N ASP A 35 -21.18 -8.05 11.07
CA ASP A 35 -21.86 -6.76 10.99
C ASP A 35 -20.89 -5.59 10.84
N ASN A 36 -19.77 -5.64 11.55
CA ASN A 36 -18.71 -4.64 11.38
C ASN A 36 -18.24 -4.58 9.92
N ALA A 37 -18.04 -5.75 9.31
CA ALA A 37 -17.62 -5.80 7.90
C ALA A 37 -18.69 -5.25 6.97
N ASN A 38 -19.92 -5.65 7.18
CA ASN A 38 -21.00 -5.14 6.35
C ASN A 38 -21.17 -3.63 6.49
N SER A 39 -20.98 -3.13 7.70
CA SER A 39 -21.09 -1.69 7.96
C SER A 39 -20.06 -0.90 7.14
N MET A 40 -18.83 -1.42 7.11
CA MET A 40 -17.73 -0.84 6.33
C MET A 40 -17.96 -0.92 4.83
N LEU A 41 -18.45 -2.07 4.38
CA LEU A 41 -18.81 -2.29 3.00
C LEU A 41 -19.87 -1.28 2.56
N GLU A 42 -20.89 -1.12 3.40
CA GLU A 42 -21.99 -0.21 3.08
C GLU A 42 -21.51 1.24 2.96
N LYS A 43 -20.47 1.59 3.72
CA LYS A 43 -19.87 2.93 3.66
C LYS A 43 -18.85 3.08 2.54
N GLY A 44 -18.57 2.00 1.80
CA GLY A 44 -17.58 2.00 0.73
C GLY A 44 -16.16 2.10 1.24
N ASN A 45 -15.93 1.77 2.51
CA ASN A 45 -14.60 1.78 3.13
C ASN A 45 -13.90 0.45 2.83
N ILE A 46 -13.15 0.39 1.74
CA ILE A 46 -12.56 -0.86 1.29
C ILE A 46 -11.53 -1.41 2.28
N SER A 47 -10.59 -0.60 2.74
CA SER A 47 -9.57 -1.10 3.70
C SER A 47 -10.19 -1.50 5.04
N GLY A 48 -11.17 -0.72 5.50
CA GLY A 48 -11.89 -1.06 6.72
C GLY A 48 -12.70 -2.35 6.58
N TYR A 49 -13.35 -2.53 5.44
CA TYR A 49 -14.08 -3.77 5.14
C TYR A 49 -13.16 -4.99 5.19
N LEU A 50 -12.01 -4.88 4.53
CA LEU A 50 -11.07 -5.97 4.49
C LEU A 50 -10.50 -6.29 5.87
N LYS A 51 -10.16 -5.27 6.67
CA LYS A 51 -9.70 -5.51 8.04
C LYS A 51 -10.76 -6.31 8.85
N ALA A 52 -12.01 -5.89 8.71
CA ALA A 52 -13.14 -6.56 9.37
C ALA A 52 -13.36 -7.96 8.84
N ALA A 53 -13.28 -8.14 7.52
CA ALA A 53 -13.48 -9.44 6.89
C ALA A 53 -12.39 -10.41 7.32
N ASN A 54 -11.17 -9.90 7.46
CA ASN A 54 -10.03 -10.73 7.85
C ASN A 54 -10.25 -11.28 9.25
N GLU A 55 -10.68 -10.41 10.16
CA GLU A 55 -10.97 -10.81 11.54
C GLU A 55 -12.16 -11.77 11.68
N LEU A 56 -13.23 -11.53 10.92
CA LEU A 56 -14.35 -12.48 10.88
C LEU A 56 -13.89 -13.89 10.51
N HIS A 57 -13.13 -13.95 9.43
CA HIS A 57 -12.64 -15.18 8.90
C HIS A 57 -11.73 -15.92 9.90
N LYS A 58 -10.79 -15.18 10.46
CA LYS A 58 -9.85 -15.77 11.40
C LYS A 58 -10.56 -16.32 12.64
N PHE A 59 -11.42 -15.50 13.19
CA PHE A 59 -12.20 -15.85 14.39
C PHE A 59 -13.03 -17.09 14.15
N MET A 60 -13.79 -17.09 13.05
CA MET A 60 -14.56 -18.28 12.71
C MET A 60 -13.69 -19.53 12.64
N LYS A 61 -12.56 -19.44 11.96
CA LYS A 61 -11.64 -20.56 11.85
C LYS A 61 -11.14 -21.02 13.23
N GLU A 62 -10.76 -20.06 14.08
CA GLU A 62 -10.37 -20.34 15.48
C GLU A 62 -11.43 -21.07 16.30
N LYS A 63 -12.70 -20.83 16.00
CA LYS A 63 -13.80 -21.41 16.75
C LYS A 63 -14.42 -22.59 16.03
N ASN A 64 -13.78 -23.01 14.95
CA ASN A 64 -14.27 -24.11 14.12
C ASN A 64 -15.72 -23.90 13.70
N LEU A 65 -16.03 -22.66 13.31
CA LEU A 65 -17.33 -22.29 12.79
C LEU A 65 -17.19 -22.04 11.29
N LYS A 66 -18.16 -22.53 10.53
CA LYS A 66 -18.15 -22.40 9.08
C LYS A 66 -19.25 -21.44 8.63
N GLU A 67 -19.24 -21.08 7.35
CA GLU A 67 -20.28 -20.23 6.79
C GLU A 67 -21.70 -20.75 7.15
N ASP A 68 -21.92 -22.05 7.03
CA ASP A 68 -23.23 -22.68 7.33
C ASP A 68 -23.64 -22.49 8.79
N ASP A 69 -22.66 -22.40 9.68
CA ASP A 69 -22.95 -22.15 11.10
C ASP A 69 -23.50 -20.74 11.34
N LEU A 70 -22.96 -19.75 10.63
CA LEU A 70 -23.33 -18.37 10.89
C LEU A 70 -24.56 -17.95 10.11
N ARG A 71 -24.75 -18.54 8.92
CA ARG A 71 -25.79 -18.05 8.02
C ARG A 71 -27.18 -17.93 8.68
N PRO A 72 -27.60 -18.93 9.47
CA PRO A 72 -28.94 -18.80 10.10
C PRO A 72 -29.06 -17.58 11.00
N GLU A 73 -27.94 -17.16 11.61
CA GLU A 73 -27.95 -16.02 12.52
C GLU A 73 -28.05 -14.68 11.80
N LEU A 74 -27.83 -14.67 10.50
CA LEU A 74 -27.83 -13.44 9.72
C LEU A 74 -29.15 -13.20 9.00
N SER A 75 -30.21 -13.92 9.40
CA SER A 75 -31.50 -13.76 8.73
C SER A 75 -32.09 -12.34 8.89
N ASP A 76 -31.74 -11.62 9.94
CA ASP A 76 -32.15 -10.21 10.09
C ASP A 76 -31.15 -9.19 9.50
N LYS A 77 -30.22 -9.67 8.68
CA LYS A 77 -29.16 -8.81 8.12
C LYS A 77 -29.27 -8.85 6.61
N THR A 78 -28.73 -7.83 5.97
CA THR A 78 -28.79 -7.70 4.53
C THR A 78 -27.49 -7.14 3.96
N ILE A 79 -26.95 -7.81 2.95
CA ILE A 79 -25.95 -7.19 2.07
C ILE A 79 -26.78 -6.47 1.02
N SER A 80 -26.62 -5.14 0.94
CA SER A 80 -27.43 -4.34 0.02
C SER A 80 -27.01 -4.55 -1.43
N PRO A 81 -27.85 -4.09 -2.37
CA PRO A 81 -27.45 -4.10 -3.76
C PRO A 81 -26.14 -3.34 -4.02
N LYS A 82 -25.94 -2.23 -3.31
CA LYS A 82 -24.68 -1.48 -3.35
C LYS A 82 -23.52 -2.37 -2.85
N GLY A 83 -23.71 -2.98 -1.69
CA GLY A 83 -22.75 -3.93 -1.16
C GLY A 83 -22.37 -5.02 -2.13
N TYR A 84 -23.33 -5.68 -2.75
CA TYR A 84 -23.01 -6.70 -3.75
C TYR A 84 -22.26 -6.15 -4.97
N ALA A 85 -22.59 -4.94 -5.40
CA ALA A 85 -21.85 -4.31 -6.49
C ALA A 85 -20.38 -4.12 -6.10
N ILE A 86 -20.14 -3.65 -4.90
CA ILE A 86 -18.76 -3.45 -4.42
C ILE A 86 -18.03 -4.79 -4.32
N LEU A 87 -18.70 -5.82 -3.79
CA LEU A 87 -18.08 -7.15 -3.65
C LEU A 87 -17.67 -7.73 -5.00
N GLN A 88 -18.51 -7.54 -6.00
CA GLN A 88 -18.22 -8.02 -7.35
C GLN A 88 -17.01 -7.30 -7.94
N SER A 89 -16.96 -5.98 -7.81
CA SER A 89 -15.81 -5.19 -8.29
C SER A 89 -14.52 -5.56 -7.57
N LEU A 90 -14.60 -5.71 -6.25
CA LEU A 90 -13.46 -6.14 -5.46
C LEU A 90 -12.93 -7.51 -5.90
N TRP A 91 -13.84 -8.44 -6.17
CA TRP A 91 -13.45 -9.77 -6.60
C TRP A 91 -12.66 -9.71 -7.88
N GLY A 92 -13.19 -9.00 -8.86
CA GLY A 92 -12.54 -8.90 -10.16
C GLY A 92 -11.20 -8.19 -10.05
N ALA A 93 -11.18 -7.12 -9.29
CA ALA A 93 -9.96 -6.31 -9.12
C ALA A 93 -8.88 -7.10 -8.42
N ALA A 94 -9.23 -7.81 -7.36
CA ALA A 94 -8.26 -8.64 -6.64
C ALA A 94 -7.76 -9.80 -7.49
N SER A 95 -8.66 -10.45 -8.22
CA SER A 95 -8.26 -11.52 -9.14
C SER A 95 -7.22 -11.03 -10.15
N ASP A 96 -7.51 -9.89 -10.76
CA ASP A 96 -6.63 -9.28 -11.75
C ASP A 96 -5.29 -8.88 -11.14
N TYR A 97 -5.34 -8.28 -9.96
CA TYR A 97 -4.14 -7.81 -9.27
C TYR A 97 -3.26 -8.99 -8.85
N SER A 98 -3.85 -10.06 -8.31
CA SER A 98 -3.06 -11.20 -7.88
C SER A 98 -2.34 -11.86 -9.07
N ARG A 99 -2.97 -11.84 -10.24
CA ARG A 99 -2.34 -12.31 -11.48
C ARG A 99 -1.23 -11.37 -11.95
N ALA A 100 -1.55 -10.09 -12.04
CA ALA A 100 -0.59 -9.05 -12.50
C ALA A 100 0.66 -9.01 -11.63
N ALA A 101 0.49 -9.23 -10.32
CA ALA A 101 1.58 -9.10 -9.36
C ALA A 101 2.46 -10.34 -9.28
N ALA A 102 2.10 -11.38 -10.03
CA ALA A 102 2.89 -12.61 -10.06
C ALA A 102 3.83 -12.49 -11.26
N THR A 103 5.08 -12.18 -10.99
CA THR A 103 6.03 -11.88 -12.06
C THR A 103 7.37 -12.54 -11.88
N LEU A 104 8.19 -12.46 -12.92
CA LEU A 104 9.51 -13.05 -12.84
C LEU A 104 10.40 -12.42 -11.76
N THR A 105 10.10 -11.18 -11.38
CA THR A 105 10.86 -10.52 -10.32
C THR A 105 10.51 -11.11 -8.96
N GLU A 106 9.23 -11.29 -8.70
CA GLU A 106 8.68 -11.68 -7.40
C GLU A 106 7.32 -12.26 -7.67
N SER A 107 6.97 -13.41 -7.12
CA SER A 107 5.62 -13.98 -7.34
C SER A 107 5.03 -14.63 -6.11
N THR A 108 5.50 -14.26 -4.93
CA THR A 108 5.11 -14.94 -3.69
C THR A 108 4.33 -14.03 -2.76
N VAL A 109 4.95 -12.92 -2.42
CA VAL A 109 4.46 -12.02 -1.39
C VAL A 109 3.25 -11.21 -1.89
N GLU A 110 3.42 -10.44 -2.98
CA GLU A 110 2.33 -9.59 -3.41
C GLU A 110 1.11 -10.40 -3.86
N PRO A 111 1.30 -11.45 -4.68
CA PRO A 111 0.11 -12.28 -5.01
C PRO A 111 -0.53 -12.99 -3.80
N GLY A 112 0.29 -13.42 -2.85
CA GLY A 112 -0.21 -14.09 -1.66
C GLY A 112 -1.10 -13.16 -0.86
N LEU A 113 -0.64 -11.93 -0.67
CA LEU A 113 -1.41 -10.90 0.05
C LEU A 113 -2.73 -10.62 -0.67
N VAL A 114 -2.68 -10.41 -1.98
CA VAL A 114 -3.88 -10.03 -2.71
C VAL A 114 -4.84 -11.23 -2.81
N SER A 115 -4.30 -12.43 -2.95
CA SER A 115 -5.17 -13.62 -3.00
C SER A 115 -5.96 -13.81 -1.70
N ALA A 116 -5.33 -13.46 -0.58
CA ALA A 116 -6.01 -13.52 0.73
C ALA A 116 -7.25 -12.61 0.80
N VAL A 117 -7.18 -11.48 0.10
CA VAL A 117 -8.31 -10.58 -0.02
C VAL A 117 -9.51 -11.27 -0.66
N ASN A 118 -9.29 -11.97 -1.78
CA ASN A 118 -10.37 -12.74 -2.37
C ASN A 118 -10.96 -13.80 -1.44
N LYS A 119 -10.11 -14.52 -0.74
CA LYS A 119 -10.56 -15.57 0.15
C LYS A 119 -11.43 -15.00 1.29
N MET A 120 -10.98 -13.94 1.93
CA MET A 120 -11.74 -13.39 3.08
C MET A 120 -13.04 -12.71 2.63
N SER A 121 -13.02 -12.09 1.45
CA SER A 121 -14.21 -11.40 0.96
C SER A 121 -15.27 -12.40 0.54
N ALA A 122 -14.85 -13.47 -0.12
CA ALA A 122 -15.72 -14.59 -0.45
C ALA A 122 -16.34 -15.20 0.79
N PHE A 123 -15.54 -15.32 1.85
CA PHE A 123 -16.04 -15.90 3.10
C PHE A 123 -17.13 -15.03 3.71
N PHE A 124 -16.91 -13.73 3.77
CA PHE A 124 -17.88 -12.77 4.26
C PHE A 124 -19.19 -12.95 3.51
N MET A 125 -19.11 -13.06 2.19
CA MET A 125 -20.33 -13.14 1.39
C MET A 125 -21.05 -14.47 1.57
N ASP A 126 -20.28 -15.55 1.63
CA ASP A 126 -20.84 -16.88 1.79
C ASP A 126 -21.43 -17.13 3.18
N CYS A 127 -21.03 -16.34 4.17
CA CYS A 127 -21.69 -16.39 5.48
C CYS A 127 -23.16 -15.99 5.38
N LYS A 128 -23.48 -15.09 4.45
CA LYS A 128 -24.85 -14.60 4.26
C LYS A 128 -25.62 -15.37 3.17
N LEU A 129 -24.95 -15.67 2.07
CA LEU A 129 -25.59 -16.18 0.86
C LEU A 129 -25.34 -17.69 0.76
N SER A 130 -26.41 -18.48 0.60
CA SER A 130 -26.28 -19.95 0.41
C SER A 130 -25.61 -20.24 -0.92
N PRO A 131 -25.06 -21.46 -1.08
CA PRO A 131 -24.25 -21.75 -2.28
C PRO A 131 -24.99 -21.55 -3.61
N ASN A 132 -26.30 -21.76 -3.62
CA ASN A 132 -27.11 -21.70 -4.84
C ASN A 132 -27.88 -20.39 -5.04
N GLU A 133 -27.85 -19.52 -4.06
CA GLU A 133 -28.48 -18.21 -4.17
C GLU A 133 -27.51 -17.30 -4.89
N ARG A 134 -28.03 -16.37 -5.67
CA ARG A 134 -27.18 -15.47 -6.43
C ARG A 134 -27.12 -14.08 -5.80
N ALA A 135 -25.94 -13.48 -5.84
CA ALA A 135 -25.75 -12.09 -5.43
C ALA A 135 -26.66 -11.19 -6.24
N THR A 136 -27.12 -10.11 -5.64
CA THR A 136 -28.05 -9.18 -6.28
C THR A 136 -27.48 -7.75 -6.32
N PRO A 137 -26.43 -7.51 -7.14
CA PRO A 137 -25.83 -6.17 -7.26
C PRO A 137 -26.74 -5.12 -7.93
N ASP A 138 -26.62 -3.89 -7.45
CA ASP A 138 -27.28 -2.74 -8.04
C ASP A 138 -26.65 -2.57 -9.42
N PRO A 139 -27.44 -2.74 -10.49
CA PRO A 139 -26.82 -2.75 -11.82
C PRO A 139 -26.33 -1.36 -12.25
N ASP A 140 -26.80 -0.32 -11.54
CA ASP A 140 -26.41 1.06 -11.84
C ASP A 140 -25.35 1.63 -10.91
N PHE A 141 -24.91 0.85 -9.92
CA PHE A 141 -23.88 1.33 -9.02
C PHE A 141 -22.53 1.06 -9.63
N LYS A 142 -21.91 2.12 -10.13
CA LYS A 142 -20.64 2.00 -10.85
C LYS A 142 -19.49 2.14 -9.86
N VAL A 143 -18.72 1.08 -9.69
CA VAL A 143 -17.66 1.09 -8.70
C VAL A 143 -16.34 1.41 -9.43
N GLY A 144 -15.56 2.32 -8.89
CA GLY A 144 -14.31 2.73 -9.54
C GLY A 144 -13.21 1.72 -9.26
N LYS A 145 -12.70 1.06 -10.29
CA LYS A 145 -11.67 0.04 -10.10
C LYS A 145 -10.38 0.60 -9.46
N SER A 146 -9.99 1.80 -9.85
CA SER A 146 -8.82 2.43 -9.23
C SER A 146 -9.01 2.68 -7.73
N LYS A 147 -10.22 3.00 -7.29
CA LYS A 147 -10.51 3.16 -5.85
C LYS A 147 -10.40 1.82 -5.10
N ILE A 148 -10.94 0.78 -5.71
CA ILE A 148 -10.87 -0.57 -5.16
C ILE A 148 -9.41 -1.01 -5.01
N LEU A 149 -8.60 -0.80 -6.05
CA LEU A 149 -7.20 -1.19 -6.00
C LEU A 149 -6.42 -0.47 -4.91
N VAL A 150 -6.62 0.86 -4.82
CA VAL A 150 -6.03 1.62 -3.73
C VAL A 150 -6.45 1.07 -2.36
N GLY A 151 -7.71 0.69 -2.23
CA GLY A 151 -8.20 0.11 -0.97
C GLY A 151 -7.48 -1.19 -0.59
N ILE A 152 -7.24 -2.03 -1.58
CA ILE A 152 -6.47 -3.27 -1.39
C ILE A 152 -5.06 -2.95 -0.96
N MET A 153 -4.44 -1.96 -1.59
CA MET A 153 -3.10 -1.54 -1.21
C MET A 153 -3.03 -0.97 0.20
N GLN A 154 -4.07 -0.23 0.61
CA GLN A 154 -4.14 0.32 1.95
C GLN A 154 -4.25 -0.82 2.99
N PHE A 155 -5.05 -1.81 2.66
CA PHE A 155 -5.16 -3.01 3.50
C PHE A 155 -3.80 -3.68 3.64
N ILE A 156 -3.09 -3.85 2.53
CA ILE A 156 -1.76 -4.47 2.59
C ILE A 156 -0.84 -3.67 3.50
N LYS A 157 -0.87 -2.34 3.37
CA LYS A 157 -0.09 -1.51 4.26
C LYS A 157 -0.41 -1.74 5.72
N ASP A 158 -1.70 -1.88 6.02
CA ASP A 158 -2.19 -2.07 7.37
CA ASP A 158 -2.16 -2.07 7.39
C ASP A 158 -1.74 -3.43 7.94
N VAL A 159 -1.73 -4.47 7.11
CA VAL A 159 -1.43 -5.82 7.62
C VAL A 159 0.04 -6.19 7.59
N ALA A 160 0.84 -5.43 6.88
CA ALA A 160 2.25 -5.72 6.68
C ALA A 160 3.11 -5.34 7.88
N ASP A 161 4.06 -6.20 8.21
CA ASP A 161 5.13 -5.77 9.13
C ASP A 161 5.92 -4.59 8.54
N PRO A 162 6.28 -3.60 9.38
CA PRO A 162 6.90 -2.43 8.76
C PRO A 162 8.28 -2.66 8.22
N THR A 163 8.90 -3.79 8.52
CA THR A 163 10.20 -4.12 7.96
C THR A 163 10.12 -5.16 6.83
N SER A 164 8.92 -5.63 6.48
CA SER A 164 8.74 -6.63 5.42
C SER A 164 8.99 -6.04 4.04
N LYS A 165 9.31 -6.90 3.08
CA LYS A 165 9.64 -6.48 1.72
C LYS A 165 8.90 -7.26 0.67
N ILE A 166 8.70 -6.60 -0.47
CA ILE A 166 8.31 -7.25 -1.72
C ILE A 166 9.53 -7.10 -2.63
N TRP A 167 10.15 -8.22 -2.96
CA TRP A 167 11.43 -8.23 -3.66
C TRP A 167 12.42 -7.38 -2.86
N MET A 168 13.06 -6.38 -3.46
CA MET A 168 14.10 -5.65 -2.73
C MET A 168 13.54 -4.47 -1.95
N HIS A 169 12.25 -4.20 -2.09
CA HIS A 169 11.63 -3.00 -1.57
C HIS A 169 10.71 -3.20 -0.37
N ASN A 170 10.78 -2.27 0.55
CA ASN A 170 9.87 -2.24 1.70
C ASN A 170 8.41 -2.29 1.25
N THR A 171 7.62 -3.20 1.80
CA THR A 171 6.26 -3.41 1.32
C THR A 171 5.41 -2.16 1.43
N LYS A 172 5.50 -1.49 2.58
CA LYS A 172 4.71 -0.27 2.81
C LYS A 172 5.09 0.87 1.83
N ALA A 173 6.38 1.00 1.55
CA ALA A 173 6.87 2.00 0.59
C ALA A 173 6.42 1.66 -0.82
N LEU A 174 6.43 0.37 -1.17
CA LEU A 174 6.00 -0.03 -2.51
C LEU A 174 4.51 0.20 -2.65
N MET A 175 3.74 -0.06 -1.59
CA MET A 175 2.32 0.27 -1.65
C MET A 175 2.08 1.78 -1.83
N ASN A 176 2.79 2.60 -1.09
CA ASN A 176 2.65 4.06 -1.29
C ASN A 176 2.98 4.46 -2.70
N HIS A 177 4.02 3.82 -3.24
CA HIS A 177 4.45 4.09 -4.60
C HIS A 177 3.33 3.81 -5.60
N LYS A 178 2.70 2.64 -5.46
CA LYS A 178 1.61 2.24 -6.36
C LYS A 178 0.34 3.05 -6.13
N ILE A 179 0.02 3.36 -4.88
CA ILE A 179 -1.13 4.20 -4.60
C ILE A 179 -0.98 5.57 -5.29
N ALA A 180 0.18 6.18 -5.11
CA ALA A 180 0.49 7.46 -5.75
C ALA A 180 0.42 7.37 -7.29
N ALA A 181 0.93 6.27 -7.84
CA ALA A 181 0.90 6.05 -9.29
C ALA A 181 -0.54 5.97 -9.81
N ILE A 182 -1.40 5.27 -9.07
CA ILE A 182 -2.83 5.18 -9.45
C ILE A 182 -3.51 6.54 -9.35
N GLN A 183 -3.20 7.28 -8.29
CA GLN A 183 -3.78 8.61 -8.06
C GLN A 183 -3.39 9.59 -9.18
N LYS A 184 -2.15 9.48 -9.65
CA LYS A 184 -1.68 10.25 -10.81
C LYS A 184 -2.44 9.91 -12.08
N LEU A 185 -2.70 8.63 -12.31
CA LEU A 185 -3.50 8.20 -13.47
C LEU A 185 -4.92 8.79 -13.39
N GLU A 186 -5.52 8.75 -12.19
CA GLU A 186 -6.83 9.36 -11.96
C GLU A 186 -6.83 10.85 -12.29
N ARG A 187 -5.88 11.59 -11.70
CA ARG A 187 -5.76 13.04 -11.94
C ARG A 187 -5.54 13.37 -13.42
N SER A 188 -4.91 12.46 -14.15
CA SER A 188 -4.63 12.62 -15.58
C SER A 188 -5.70 12.03 -16.47
N ASN A 189 -6.83 11.63 -15.89
CA ASN A 189 -7.80 10.69 -16.50
C ASN A 189 -7.20 9.74 -17.55
N ASN A 190 -6.23 8.97 -17.08
CA ASN A 190 -5.50 8.00 -17.88
C ASN A 190 -5.54 6.60 -17.24
N VAL A 191 -6.67 6.31 -16.57
CA VAL A 191 -6.91 5.01 -15.97
C VAL A 191 -7.57 4.09 -16.98
N ASN A 192 -6.86 3.03 -17.36
CA ASN A 192 -7.41 1.94 -18.17
C ASN A 192 -6.71 0.65 -17.80
N ASP A 193 -7.04 -0.46 -18.46
CA ASP A 193 -6.45 -1.76 -18.14
C ASP A 193 -4.95 -1.75 -18.25
N GLU A 194 -4.45 -1.17 -19.34
CA GLU A 194 -3.03 -1.14 -19.63
C GLU A 194 -2.26 -0.37 -18.57
N THR A 195 -2.73 0.84 -18.26
CA THR A 195 -2.02 1.68 -17.31
C THR A 195 -2.09 1.09 -15.89
N LEU A 196 -3.20 0.46 -15.57
CA LEU A 196 -3.33 -0.18 -14.25
C LEU A 196 -2.44 -1.42 -14.19
N GLU A 197 -2.44 -2.21 -15.26
CA GLU A 197 -1.58 -3.40 -15.31
C GLU A 197 -0.11 -3.07 -15.04
N SER A 198 0.37 -1.95 -15.57
CA SER A 198 1.75 -1.56 -15.38
C SER A 198 2.09 -1.28 -13.94
N VAL A 199 1.16 -0.64 -13.21
CA VAL A 199 1.33 -0.37 -11.79
C VAL A 199 1.25 -1.67 -10.97
N LEU A 200 0.21 -2.45 -11.21
CA LEU A 200 0.01 -3.70 -10.46
C LEU A 200 1.14 -4.72 -10.61
N SER A 201 1.73 -4.79 -11.80
CA SER A 201 2.79 -5.74 -12.07
C SER A 201 4.17 -5.25 -11.65
N SER A 202 4.30 -3.96 -11.39
CA SER A 202 5.60 -3.38 -10.99
C SER A 202 6.16 -3.86 -9.64
N LYS A 203 7.46 -4.11 -9.58
CA LYS A 203 8.18 -4.27 -8.29
C LYS A 203 9.22 -3.16 -8.06
N GLY A 204 9.07 -2.03 -8.75
CA GLY A 204 10.05 -0.95 -8.61
C GLY A 204 11.42 -1.31 -9.20
N GLU A 205 11.41 -2.11 -10.25
CA GLU A 205 12.66 -2.60 -10.89
C GLU A 205 13.46 -1.47 -11.51
N ASN A 206 12.74 -0.51 -12.06
CA ASN A 206 13.38 0.67 -12.62
C ASN A 206 13.63 1.63 -11.47
N LEU A 207 14.84 1.58 -10.94
CA LEU A 207 15.15 2.26 -9.70
C LEU A 207 15.15 3.79 -9.87
N SER A 208 15.48 4.26 -11.07
CA SER A 208 15.41 5.70 -11.36
C SER A 208 13.97 6.19 -11.29
N GLU A 209 13.00 5.39 -11.75
CA GLU A 209 11.59 5.76 -11.62
C GLU A 209 11.13 5.64 -10.19
N TYR A 210 11.58 4.59 -9.52
CA TYR A 210 11.15 4.33 -8.14
C TYR A 210 11.56 5.45 -7.19
N LEU A 211 12.80 5.91 -7.34
CA LEU A 211 13.39 6.94 -6.49
C LEU A 211 13.28 8.37 -7.07
N SER A 212 12.68 8.52 -8.22
CA SER A 212 12.58 9.79 -8.94
C SER A 212 13.96 10.44 -9.08
N TYR A 213 14.96 9.61 -9.38
CA TYR A 213 16.35 10.03 -9.44
C TYR A 213 17.00 9.40 -10.68
N LYS A 214 17.24 10.24 -11.69
CA LYS A 214 17.78 9.74 -12.94
C LYS A 214 18.99 8.86 -12.78
N TYR A 215 19.83 9.16 -11.80
CA TYR A 215 21.17 8.56 -11.70
C TYR A 215 21.19 7.38 -10.73
N ALA A 216 20.01 6.84 -10.39
CA ALA A 216 19.90 5.76 -9.41
C ALA A 216 20.71 4.59 -9.90
N THR A 217 21.56 4.04 -9.04
CA THR A 217 22.42 2.95 -9.42
C THR A 217 22.98 2.24 -8.20
N LYS A 218 23.42 1.00 -8.40
CA LYS A 218 24.19 0.28 -7.38
C LYS A 218 25.66 0.11 -7.77
N ASP A 219 26.00 0.52 -8.99
CA ASP A 219 27.37 0.40 -9.50
C ASP A 219 28.11 1.75 -9.40
N GLU A 220 29.15 1.96 -10.22
CA GLU A 220 30.06 3.11 -10.02
C GLU A 220 29.46 4.44 -10.45
N GLY A 221 28.39 4.35 -11.24
CA GLY A 221 27.64 5.52 -11.68
C GLY A 221 28.50 6.48 -12.48
N ARG A 222 28.16 7.76 -12.40
CA ARG A 222 28.91 8.80 -13.15
C ARG A 222 30.26 9.13 -12.54
N GLU A 223 31.24 9.47 -13.38
CA GLU A 223 32.50 10.06 -12.91
C GLU A 223 32.21 11.49 -12.42
N HIS A 224 32.80 11.87 -11.30
CA HIS A 224 32.60 13.19 -10.68
C HIS A 224 33.90 13.77 -10.14
N ARG A 225 34.01 15.09 -10.20
CA ARG A 225 35.13 15.79 -9.56
C ARG A 225 35.10 15.62 -8.05
N TYR A 226 33.89 15.66 -7.49
CA TYR A 226 33.69 15.56 -6.04
C TYR A 226 32.74 14.41 -5.72
N THR A 227 33.15 13.20 -6.08
CA THR A 227 32.39 11.99 -5.79
C THR A 227 31.91 11.97 -4.33
N ALA A 228 30.61 11.74 -4.14
CA ALA A 228 30.01 11.69 -2.84
C ALA A 228 30.68 10.62 -1.99
N SER A 229 30.90 10.96 -0.74
CA SER A 229 31.44 10.02 0.23
C SER A 229 30.98 10.41 1.63
N THR A 230 31.16 9.50 2.58
CA THR A 230 30.83 9.77 3.98
C THR A 230 31.99 10.38 4.78
N GLU A 231 33.11 10.61 4.11
CA GLU A 231 34.37 10.92 4.80
C GLU A 231 34.37 12.25 5.57
N ASN A 232 33.70 13.27 5.06
CA ASN A 232 33.63 14.54 5.81
C ASN A 232 32.51 14.59 6.85
N PHE A 233 31.82 13.48 7.06
CA PHE A 233 30.62 13.45 7.90
C PHE A 233 30.80 12.48 9.06
N LYS A 234 30.52 12.97 10.27
CA LYS A 234 30.89 12.25 11.50
C LYS A 234 29.81 11.28 11.96
N ASN A 235 28.55 11.55 11.62
CA ASN A 235 27.41 10.80 12.16
C ASN A 235 26.60 9.98 11.14
N VAL A 236 27.21 9.59 10.04
CA VAL A 236 26.50 8.82 9.02
C VAL A 236 26.41 7.35 9.46
N LYS A 237 25.26 6.71 9.21
CA LYS A 237 25.11 5.30 9.56
C LYS A 237 26.15 4.41 8.89
N GLU A 238 26.55 3.37 9.61
CA GLU A 238 27.59 2.44 9.18
C GLU A 238 27.34 1.84 7.80
N LYS A 239 26.08 1.49 7.51
CA LYS A 239 25.77 0.82 6.25
C LYS A 239 26.22 1.60 4.99
N TYR A 240 26.37 2.92 5.10
CA TYR A 240 26.74 3.77 3.97
C TYR A 240 28.24 3.95 3.79
N GLN A 241 29.02 3.57 4.81
CA GLN A 241 30.42 4.00 4.90
C GLN A 241 31.31 3.62 3.73
N GLN A 242 31.01 2.52 3.08
CA GLN A 242 31.84 2.09 1.96
C GLN A 242 31.15 2.34 0.63
N MET A 243 30.11 3.17 0.63
CA MET A 243 29.45 3.51 -0.62
C MET A 243 29.89 4.88 -1.05
N ARG A 244 29.93 5.08 -2.36
CA ARG A 244 30.40 6.35 -2.92
C ARG A 244 29.54 6.78 -4.10
N GLY A 245 29.56 8.08 -4.38
CA GLY A 245 28.98 8.58 -5.61
C GLY A 245 27.48 8.42 -5.71
N ASP A 246 27.00 8.21 -6.93
CA ASP A 246 25.57 8.08 -7.22
C ASP A 246 24.96 6.90 -6.47
N ALA A 247 25.74 5.84 -6.29
CA ALA A 247 25.29 4.67 -5.53
C ALA A 247 25.02 5.03 -4.08
N LEU A 248 25.88 5.85 -3.50
CA LEU A 248 25.68 6.31 -2.14
C LEU A 248 24.40 7.15 -2.04
N LYS A 249 24.25 8.11 -2.95
CA LYS A 249 23.01 8.90 -2.94
C LYS A 249 21.77 8.05 -3.19
N THR A 250 21.89 7.03 -4.05
CA THR A 250 20.79 6.12 -4.34
C THR A 250 20.28 5.44 -3.05
N GLU A 251 21.24 4.92 -2.28
CA GLU A 251 20.92 4.19 -1.06
C GLU A 251 20.29 5.09 -0.02
N ILE A 252 20.80 6.31 0.13
CA ILE A 252 20.22 7.27 1.03
C ILE A 252 18.78 7.60 0.63
N LEU A 253 18.57 7.83 -0.66
CA LEU A 253 17.21 8.13 -1.18
C LEU A 253 16.26 6.96 -0.94
N ALA A 254 16.75 5.74 -1.18
CA ALA A 254 15.91 4.54 -0.95
C ALA A 254 15.50 4.43 0.52
N ASP A 255 16.45 4.68 1.42
CA ASP A 255 16.13 4.65 2.86
C ASP A 255 15.21 5.82 3.30
N PHE A 256 15.43 7.00 2.73
CA PHE A 256 14.55 8.14 2.98
C PHE A 256 13.12 7.85 2.47
N LYS A 257 13.00 7.25 1.28
CA LYS A 257 11.70 6.85 0.74
C LYS A 257 10.94 5.95 1.72
N ASP A 258 11.64 4.97 2.29
CA ASP A 258 11.02 4.02 3.20
C ASP A 258 10.55 4.74 4.45
N LYS A 259 11.35 5.69 4.94
CA LYS A 259 10.97 6.46 6.12
C LYS A 259 9.77 7.35 5.86
N LEU A 260 9.72 7.99 4.69
CA LEU A 260 8.55 8.80 4.32
C LEU A 260 7.27 7.99 4.30
N ALA A 261 7.36 6.72 3.93
CA ALA A 261 6.18 5.89 3.86
C ALA A 261 5.62 5.55 5.25
N GLU A 262 6.32 5.89 6.31
CA GLU A 262 5.78 5.77 7.69
C GLU A 262 4.82 6.91 8.07
N ALA A 263 4.80 7.99 7.29
CA ALA A 263 3.88 9.11 7.57
C ALA A 263 2.43 8.67 7.51
N THR A 264 1.61 9.17 8.45
CA THR A 264 0.18 8.82 8.50
C THR A 264 -0.71 10.03 8.24
N ASP A 265 -0.23 11.20 8.63
CA ASP A 265 -0.91 12.44 8.37
C ASP A 265 0.12 13.52 8.13
N GLU A 266 -0.36 14.71 7.80
CA GLU A 266 0.50 15.86 7.53
C GLU A 266 1.47 16.17 8.65
N GLN A 267 1.01 16.11 9.89
CA GLN A 267 1.89 16.41 11.02
C GLN A 267 3.06 15.41 11.14
N SER A 268 2.77 14.12 10.97
CA SER A 268 3.82 13.10 11.03
C SER A 268 4.80 13.25 9.85
N LEU A 269 4.30 13.65 8.69
CA LEU A 269 5.17 13.94 7.54
C LEU A 269 6.13 15.06 7.85
N LYS A 270 5.60 16.18 8.35
CA LYS A 270 6.44 17.32 8.77
C LYS A 270 7.56 16.89 9.69
N GLN A 271 7.23 16.07 10.66
CA GLN A 271 8.18 15.63 11.66
C GLN A 271 9.27 14.73 11.07
N ILE A 272 8.83 13.79 10.25
CA ILE A 272 9.78 12.87 9.58
C ILE A 272 10.74 13.66 8.68
N VAL A 273 10.21 14.61 7.92
CA VAL A 273 11.01 15.40 6.97
C VAL A 273 12.07 16.22 7.71
N ALA A 274 11.66 16.85 8.82
CA ALA A 274 12.58 17.64 9.64
C ALA A 274 13.70 16.74 10.19
N GLU A 275 13.35 15.56 10.68
CA GLU A 275 14.30 14.58 11.21
C GLU A 275 15.29 14.13 10.12
N LEU A 276 14.77 13.82 8.94
CA LEU A 276 15.65 13.40 7.83
C LEU A 276 16.61 14.52 7.42
N LYS A 277 16.09 15.73 7.27
CA LYS A 277 16.92 16.86 6.85
C LYS A 277 18.01 17.22 7.87
N SER A 278 17.84 16.80 9.12
CA SER A 278 18.84 17.06 10.14
C SER A 278 20.02 16.10 10.04
N LYS A 279 19.92 15.06 9.22
CA LYS A 279 20.95 14.02 9.17
C LYS A 279 22.09 14.35 8.22
N ASP A 280 23.29 13.90 8.58
CA ASP A 280 24.44 13.98 7.69
C ASP A 280 24.14 13.34 6.32
N GLU A 281 23.30 12.30 6.29
CA GLU A 281 22.89 11.68 5.04
C GLU A 281 22.24 12.70 4.11
N TYR A 282 21.40 13.57 4.67
CA TYR A 282 20.82 14.62 3.88
C TYR A 282 21.87 15.62 3.38
N ARG A 283 22.83 15.98 4.23
CA ARG A 283 23.91 16.87 3.80
C ARG A 283 24.71 16.31 2.64
N ILE A 284 24.92 15.00 2.64
CA ILE A 284 25.57 14.31 1.54
C ILE A 284 24.74 14.52 0.26
N LEU A 285 23.43 14.31 0.34
CA LEU A 285 22.58 14.54 -0.85
C LEU A 285 22.74 15.96 -1.37
N ALA A 286 22.71 16.91 -0.44
CA ALA A 286 22.73 18.34 -0.82
C ALA A 286 24.10 18.86 -1.28
N LYS A 287 25.17 18.14 -0.97
CA LYS A 287 26.50 18.53 -1.45
C LYS A 287 26.73 18.13 -2.91
N GLY A 288 27.03 19.11 -3.76
CA GLY A 288 27.29 18.83 -5.16
C GLY A 288 28.48 17.91 -5.41
N GLN A 289 28.36 17.08 -6.43
CA GLN A 289 29.47 16.21 -6.89
C GLN A 289 30.26 16.83 -8.03
N GLY A 290 29.83 17.99 -8.50
CA GLY A 290 30.47 18.68 -9.62
C GLY A 290 30.82 20.12 -9.23
N LEU A 291 31.80 20.70 -9.92
CA LEU A 291 32.22 22.07 -9.66
C LEU A 291 31.09 23.10 -9.80
N THR A 292 30.29 22.95 -10.85
CA THR A 292 29.28 23.97 -11.14
C THR A 292 28.24 24.04 -10.02
N THR A 293 27.80 22.87 -9.55
CA THR A 293 26.84 22.84 -8.45
C THR A 293 27.39 23.51 -7.20
N GLN A 294 28.65 23.23 -6.88
CA GLN A 294 29.27 23.81 -5.69
C GLN A 294 29.50 25.30 -5.81
N LEU A 295 30.02 25.68 -6.97
CA LEU A 295 30.37 27.08 -7.26
C LEU A 295 29.16 28.01 -7.33
N LEU A 296 28.10 27.55 -7.98
CA LEU A 296 26.90 28.38 -8.20
C LEU A 296 25.84 28.11 -7.16
N GLY A 297 26.06 27.13 -6.29
CA GLY A 297 25.15 26.87 -5.16
C GLY A 297 23.81 26.29 -5.63
N LEU A 298 23.91 25.30 -6.50
CA LEU A 298 22.75 24.65 -7.13
C LEU A 298 22.16 23.55 -6.26
N LYS A 299 20.84 23.39 -6.36
CA LYS A 299 20.18 22.26 -5.74
C LYS A 299 20.55 20.99 -6.52
N THR A 300 21.01 19.99 -5.80
CA THR A 300 21.38 18.75 -6.44
C THR A 300 20.14 17.97 -6.95
N SER A 301 20.38 17.09 -7.89
CA SER A 301 19.32 16.19 -8.41
C SER A 301 18.69 15.39 -7.28
N SER A 302 19.50 14.89 -6.34
CA SER A 302 18.96 14.02 -5.28
C SER A 302 18.12 14.78 -4.27
N VAL A 303 18.49 16.01 -3.96
CA VAL A 303 17.64 16.84 -3.13
C VAL A 303 16.29 17.02 -3.84
N SER A 304 16.30 17.27 -5.14
CA SER A 304 15.05 17.43 -5.90
C SER A 304 14.21 16.13 -5.88
N SER A 305 14.91 14.99 -5.90
CA SER A 305 14.23 13.68 -5.84
C SER A 305 13.52 13.53 -4.48
N PHE A 306 14.25 13.82 -3.42
CA PHE A 306 13.69 13.80 -2.07
C PHE A 306 12.45 14.71 -1.94
N GLU A 307 12.58 15.94 -2.40
CA GLU A 307 11.45 16.89 -2.38
C GLU A 307 10.25 16.38 -3.18
N LYS A 308 10.50 15.75 -4.31
CA LYS A 308 9.41 15.14 -5.09
C LYS A 308 8.70 14.02 -4.33
N MET A 309 9.46 13.19 -3.63
CA MET A 309 8.82 12.13 -2.83
C MET A 309 8.04 12.71 -1.65
N VAL A 310 8.60 13.74 -1.03
CA VAL A 310 7.91 14.44 0.06
C VAL A 310 6.58 14.99 -0.47
N GLU A 311 6.62 15.69 -1.60
CA GLU A 311 5.40 16.32 -2.12
C GLU A 311 4.36 15.30 -2.59
N GLU A 312 4.83 14.21 -3.17
CA GLU A 312 3.93 13.12 -3.53
C GLU A 312 3.28 12.48 -2.30
N THR A 313 4.04 12.33 -1.23
CA THR A 313 3.52 11.79 0.03
C THR A 313 2.46 12.75 0.62
N ARG A 314 2.78 14.04 0.63
CA ARG A 314 1.85 15.09 1.10
C ARG A 314 0.52 15.06 0.35
N GLU A 315 0.59 15.03 -0.98
CA GLU A 315 -0.61 15.02 -1.81
C GLU A 315 -1.42 13.73 -1.68
N SER A 316 -0.71 12.61 -1.56
CA SER A 316 -1.36 11.31 -1.35
C SER A 316 -2.10 11.27 0.00
N ILE A 317 -1.44 11.75 1.05
CA ILE A 317 -2.09 11.96 2.37
C ILE A 317 -3.38 12.78 2.24
N LYS A 318 -3.26 13.97 1.65
CA LYS A 318 -4.42 14.84 1.44
C LYS A 318 -5.54 14.14 0.67
N SER A 319 -5.15 13.38 -0.35
CA SER A 319 -6.09 12.66 -1.20
C SER A 319 -6.82 11.54 -0.44
N GLN A 320 -6.09 10.79 0.36
CA GLN A 320 -6.70 9.68 1.10
C GLN A 320 -7.51 10.20 2.29
N GLU A 321 -7.13 11.35 2.83
CA GLU A 321 -7.88 11.96 3.96
C GLU A 321 -9.17 12.62 3.50
N ARG A 322 -9.23 13.02 2.23
CA ARG A 322 -10.49 13.42 1.63
C ARG A 322 -11.39 12.19 1.58
N GLN A 323 -10.77 11.04 1.29
CA GLN A 323 -11.49 9.78 1.21
C GLN A 323 -12.00 9.27 2.56
N THR A 324 -11.25 9.48 3.65
CA THR A 324 -11.71 9.08 5.00
C THR A 324 -13.02 9.77 5.39
N ILE A 325 -13.17 11.02 4.99
CA ILE A 325 -14.40 11.80 5.23
C ILE A 325 -15.60 11.14 4.52
N LYS A 326 -15.35 10.60 3.33
CA LYS A 326 -16.40 9.97 2.51
C LYS A 326 -16.75 8.56 2.98
N ILE A 327 -15.81 7.89 3.64
CA ILE A 327 -15.97 6.51 4.06
C ILE A 327 -16.01 6.42 5.59
#